data_3ZL6
#
_entry.id   3ZL6
#
_cell.length_a   85.160
_cell.length_b   98.840
_cell.length_c   131.550
_cell.angle_alpha   90.00
_cell.angle_beta   90.00
_cell.angle_gamma   90.00
#
_symmetry.space_group_name_H-M   'C 2 2 21'
#
loop_
_entity.id
_entity.type
_entity.pdbx_description
1 polymer GERANYLTRANSTRANSFERASE
2 non-polymer 'DIMETHYL SULFOXIDE'
3 non-polymer 'MAGNESIUM ION'
4 non-polymer '2-(1,2-benzoxazol-3-yl)ethanoic acid'
5 water water
#
_entity_poly.entity_id   1
_entity_poly.type   'polypeptide(L)'
_entity_poly.pdbx_seq_one_letter_code
;SMIAAYQARCQARVDAALDALFVAPREELQRLYEAMRYSVMNGGKRVRPLLAYAACEALGGAPQRADAAACAVELIHAYS
LVHDDLPAMDDDDLRRGQPTTHRAFDEATAILAADGLQALAFEVLADTRRNPQEHAVCLEMLTRLARAAGSAGMVGGQAI
DLGSVGVALDQAALEVMHRHKTGALIEASVRLGALASGRAEPASLAALERYAEAIGLAFQVQDDILDVESDTATLGKTQG
KDQAHNKPTYPALLGLEAAKGYALELRDLALAALDGFPPSADPLRQLARYIVERRN
;
_entity_poly.pdbx_strand_id   A,B
#
loop_
_chem_comp.id
_chem_comp.type
_chem_comp.name
_chem_comp.formula
DMS non-polymer 'DIMETHYL SULFOXIDE' 'C2 H6 O S'
MG non-polymer 'MAGNESIUM ION' 'Mg 2'
NVU non-polymer '2-(1,2-benzoxazol-3-yl)ethanoic acid' 'C9 H7 N O3'
#
# COMPACT_ATOMS: atom_id res chain seq x y z
N SER A 1 29.17 20.24 10.89
CA SER A 1 28.23 20.38 12.02
C SER A 1 26.96 21.22 11.72
N MET A 2 26.63 21.42 10.45
CA MET A 2 25.30 21.94 10.06
C MET A 2 24.30 20.82 9.67
N ILE A 3 24.49 19.64 10.22
CA ILE A 3 23.49 18.60 9.99
C ILE A 3 22.11 19.06 10.57
N ALA A 4 22.11 19.79 11.70
CA ALA A 4 20.89 20.30 12.23
C ALA A 4 20.14 21.23 11.23
N ALA A 5 20.85 22.17 10.60
CA ALA A 5 20.28 23.02 9.59
C ALA A 5 19.81 22.25 8.37
N TYR A 6 20.58 21.24 7.97
CA TYR A 6 20.20 20.36 6.82
C TYR A 6 18.90 19.62 7.16
N GLN A 7 18.83 19.05 8.34
CA GLN A 7 17.61 18.44 8.79
C GLN A 7 16.42 19.41 8.75
N ALA A 8 16.64 20.63 9.21
CA ALA A 8 15.54 21.62 9.27
C ALA A 8 15.05 22.02 7.89
N ARG A 9 15.94 22.19 6.94
CA ARG A 9 15.53 22.44 5.57
C ARG A 9 14.72 21.26 4.99
N CYS A 10 15.23 20.05 5.20
CA CYS A 10 14.54 18.89 4.60
C CYS A 10 13.13 18.76 5.19
N GLN A 11 13.05 18.92 6.52
CA GLN A 11 11.76 18.84 7.24
C GLN A 11 10.78 19.90 6.73
N ALA A 12 11.22 21.13 6.63
CA ALA A 12 10.29 22.17 6.14
C ALA A 12 9.78 21.83 4.74
N ARG A 13 10.65 21.35 3.86
CA ARG A 13 10.26 21.10 2.48
C ARG A 13 9.31 19.94 2.38
N VAL A 14 9.69 18.82 3.01
CA VAL A 14 8.81 17.65 2.93
C VAL A 14 7.47 17.90 3.66
N ASP A 15 7.51 18.63 4.75
CA ASP A 15 6.29 18.97 5.46
C ASP A 15 5.29 19.74 4.62
N ALA A 16 5.79 20.70 3.88
CA ALA A 16 4.92 21.46 3.00
C ALA A 16 4.27 20.56 1.99
N ALA A 17 5.08 19.70 1.35
CA ALA A 17 4.67 18.77 0.31
C ALA A 17 3.64 17.77 0.90
N LEU A 18 3.93 17.21 2.07
CA LEU A 18 3.01 16.26 2.70
C LEU A 18 1.64 16.93 3.05
N ASP A 19 1.74 18.13 3.61
CA ASP A 19 0.55 18.80 4.08
C ASP A 19 -0.48 18.97 2.95
N ALA A 20 0.02 19.22 1.76
CA ALA A 20 -0.81 19.38 0.58
C ALA A 20 -1.56 18.12 0.11
N LEU A 21 -1.20 16.97 0.65
CA LEU A 21 -1.75 15.73 0.25
C LEU A 21 -3.01 15.41 1.08
N PHE A 22 -3.31 16.16 2.11
CA PHE A 22 -4.36 15.78 3.03
C PHE A 22 -5.67 16.58 2.89
N VAL A 23 -6.01 16.97 1.65
CA VAL A 23 -7.24 17.67 1.37
C VAL A 23 -8.27 16.69 0.91
N ALA A 24 -9.30 16.52 1.73
CA ALA A 24 -10.38 15.58 1.40
C ALA A 24 -11.06 16.00 0.11
N PRO A 25 -11.32 15.06 -0.79
CA PRO A 25 -11.92 15.51 -2.07
C PRO A 25 -13.40 15.81 -2.00
N ARG A 26 -14.05 15.37 -0.91
CA ARG A 26 -15.45 15.73 -0.62
C ARG A 26 -15.71 15.71 0.87
N GLU A 27 -16.81 16.29 1.28
CA GLU A 27 -17.08 16.54 2.66
C GLU A 27 -17.24 15.28 3.54
N GLU A 28 -17.76 14.19 2.99
CA GLU A 28 -17.93 12.95 3.76
C GLU A 28 -16.59 12.36 4.21
N LEU A 29 -15.52 12.75 3.54
CA LEU A 29 -14.17 12.20 3.81
C LEU A 29 -13.35 13.08 4.71
N GLN A 30 -13.92 14.15 5.27
CA GLN A 30 -13.11 15.12 6.01
C GLN A 30 -12.47 14.53 7.24
N ARG A 31 -13.20 13.69 7.99
CA ARG A 31 -12.62 13.15 9.19
C ARG A 31 -11.50 12.21 8.87
N LEU A 32 -11.69 11.38 7.87
CA LEU A 32 -10.62 10.46 7.47
C LEU A 32 -9.32 11.23 7.17
N TYR A 33 -9.43 12.29 6.38
CA TYR A 33 -8.28 13.08 5.99
C TYR A 33 -7.69 13.83 7.15
N GLU A 34 -8.50 14.27 8.08
CA GLU A 34 -7.95 14.81 9.31
C GLU A 34 -7.14 13.80 10.11
N ALA A 35 -7.63 12.56 10.18
CA ALA A 35 -6.85 11.54 10.86
C ALA A 35 -5.54 11.25 10.16
N MET A 36 -5.58 11.31 8.86
CA MET A 36 -4.34 11.05 8.06
C MET A 36 -3.37 12.17 8.33
N ARG A 37 -3.87 13.41 8.29
CA ARG A 37 -3.02 14.56 8.59
C ARG A 37 -2.45 14.45 10.01
N TYR A 38 -3.31 14.16 10.96
CA TYR A 38 -2.89 14.04 12.35
C TYR A 38 -1.80 12.97 12.53
N SER A 39 -1.88 11.92 11.77
CA SER A 39 -0.92 10.80 11.81
C SER A 39 0.43 11.13 11.15
N VAL A 40 0.50 12.14 10.28
CA VAL A 40 1.78 12.44 9.63
C VAL A 40 2.38 13.75 10.17
N MET A 41 1.50 14.73 10.42
CA MET A 41 1.95 16.11 10.70
C MET A 41 2.08 16.24 12.18
N ASN A 42 3.07 15.54 12.69
CA ASN A 42 3.25 15.44 14.10
C ASN A 42 4.60 15.87 14.60
N GLY A 43 5.26 16.75 13.86
CA GLY A 43 6.54 17.27 14.26
C GLY A 43 7.66 16.25 14.25
N GLY A 44 7.53 15.15 13.51
CA GLY A 44 8.60 14.21 13.36
C GLY A 44 9.82 14.81 12.69
N LYS A 45 10.98 14.20 12.92
CA LYS A 45 12.24 14.71 12.44
C LYS A 45 12.54 14.44 10.94
N ARG A 46 11.77 13.58 10.29
CA ARG A 46 11.89 13.36 8.85
C ARG A 46 13.31 12.93 8.42
N VAL A 47 13.87 11.97 9.16
CA VAL A 47 15.18 11.38 8.80
C VAL A 47 15.14 10.69 7.45
N ARG A 48 14.02 10.06 7.15
CA ARG A 48 13.87 9.33 5.87
C ARG A 48 13.83 10.24 4.68
N PRO A 49 13.03 11.31 4.76
CA PRO A 49 13.17 12.38 3.79
C PRO A 49 14.59 12.97 3.70
N LEU A 50 15.23 13.22 4.85
CA LEU A 50 16.60 13.74 4.86
C LEU A 50 17.48 12.81 4.01
N LEU A 51 17.39 11.50 4.28
CA LEU A 51 18.18 10.54 3.54
C LEU A 51 17.90 10.60 2.02
N ALA A 52 16.63 10.72 1.62
CA ALA A 52 16.31 10.79 0.16
C ALA A 52 16.93 12.03 -0.49
N TYR A 53 16.75 13.17 0.13
CA TYR A 53 17.34 14.41 -0.35
C TYR A 53 18.88 14.33 -0.41
N ALA A 54 19.48 13.80 0.64
CA ALA A 54 20.94 13.82 0.79
C ALA A 54 21.52 12.81 -0.18
N ALA A 55 20.82 11.69 -0.40
CA ALA A 55 21.33 10.73 -1.35
C ALA A 55 21.30 11.30 -2.79
N CYS A 56 20.21 11.96 -3.09
CA CYS A 56 20.02 12.59 -4.38
C CYS A 56 21.20 13.58 -4.59
N GLU A 57 21.45 14.42 -3.59
CA GLU A 57 22.56 15.40 -3.68
C GLU A 57 23.93 14.77 -3.74
N ALA A 58 24.09 13.63 -3.08
CA ALA A 58 25.36 12.92 -3.08
C ALA A 58 25.77 12.52 -4.47
N LEU A 59 24.79 12.31 -5.34
CA LEU A 59 25.06 11.90 -6.71
C LEU A 59 24.91 13.06 -7.66
N GLY A 60 24.81 14.27 -7.13
CA GLY A 60 24.75 15.50 -7.94
C GLY A 60 23.42 15.97 -8.41
N GLY A 61 22.34 15.40 -7.88
CA GLY A 61 21.04 15.82 -8.32
C GLY A 61 20.53 16.95 -7.50
N ALA A 62 19.79 17.86 -8.12
CA ALA A 62 19.11 18.89 -7.35
C ALA A 62 18.12 18.24 -6.38
N PRO A 63 18.07 18.68 -5.11
CA PRO A 63 17.26 17.92 -4.11
C PRO A 63 15.74 17.88 -4.37
N GLN A 64 15.23 18.90 -5.02
CA GLN A 64 13.80 18.95 -5.32
C GLN A 64 13.36 17.83 -6.25
N ARG A 65 14.29 17.23 -6.96
CA ARG A 65 13.98 16.02 -7.71
C ARG A 65 13.47 14.85 -6.80
N ALA A 66 13.95 14.81 -5.57
CA ALA A 66 13.61 13.81 -4.59
C ALA A 66 12.39 14.11 -3.77
N ASP A 67 11.60 15.12 -4.12
CA ASP A 67 10.43 15.47 -3.25
C ASP A 67 9.42 14.30 -3.13
N ALA A 68 9.13 13.60 -4.22
CA ALA A 68 8.13 12.55 -4.20
C ALA A 68 8.66 11.35 -3.38
N ALA A 69 9.94 11.04 -3.61
CA ALA A 69 10.65 10.01 -2.86
C ALA A 69 10.58 10.31 -1.36
N ALA A 70 10.90 11.55 -0.96
CA ALA A 70 10.82 12.00 0.42
C ALA A 70 9.41 11.83 0.99
N CYS A 71 8.41 12.23 0.23
CA CYS A 71 7.06 12.07 0.73
C CYS A 71 6.71 10.59 0.89
N ALA A 72 7.00 9.82 -0.12
CA ALA A 72 6.65 8.40 -0.10
C ALA A 72 7.24 7.65 1.08
N VAL A 73 8.54 7.84 1.34
CA VAL A 73 9.14 7.14 2.44
C VAL A 73 8.59 7.59 3.80
N GLU A 74 8.19 8.85 3.91
CA GLU A 74 7.62 9.34 5.17
C GLU A 74 6.22 8.84 5.36
N LEU A 75 5.48 8.68 4.26
CA LEU A 75 4.15 8.16 4.33
C LEU A 75 4.16 6.71 4.80
N ILE A 76 5.10 5.90 4.26
CA ILE A 76 5.24 4.50 4.67
C ILE A 76 5.62 4.49 6.18
N HIS A 77 6.63 5.26 6.54
CA HIS A 77 6.99 5.39 7.94
C HIS A 77 5.78 5.72 8.81
N ALA A 78 5.05 6.80 8.50
CA ALA A 78 3.95 7.27 9.34
C ALA A 78 2.86 6.23 9.40
N TYR A 79 2.51 5.60 8.28
CA TYR A 79 1.45 4.56 8.39
C TYR A 79 1.95 3.39 9.35
N SER A 80 3.20 3.02 9.26
CA SER A 80 3.70 1.89 10.04
C SER A 80 3.60 2.15 11.53
N LEU A 81 3.87 3.39 11.94
CA LEU A 81 3.77 3.80 13.34
C LEU A 81 2.33 3.75 13.82
N VAL A 82 1.38 4.21 13.01
CA VAL A 82 -0.06 4.19 13.42
C VAL A 82 -0.43 2.77 13.72
N HIS A 83 -0.06 1.83 12.85
CA HIS A 83 -0.45 0.44 13.08
C HIS A 83 0.29 -0.15 14.27
N ASP A 84 1.54 0.24 14.41
CA ASP A 84 2.35 -0.22 15.55
C ASP A 84 1.80 0.21 16.87
N ASP A 85 1.15 1.35 16.93
CA ASP A 85 0.59 1.89 18.19
C ASP A 85 -0.65 1.13 18.61
N LEU A 86 -1.30 0.44 17.67
CA LEU A 86 -2.61 -0.14 17.95
C LEU A 86 -2.58 -1.13 19.12
N PRO A 87 -3.73 -1.34 19.77
CA PRO A 87 -3.73 -2.20 20.95
C PRO A 87 -3.27 -3.61 20.71
N ALA A 88 -3.51 -4.16 19.52
CA ALA A 88 -3.05 -5.50 19.20
C ALA A 88 -1.52 -5.59 18.98
N MET A 89 -0.87 -4.44 18.87
CA MET A 89 0.58 -4.36 18.57
C MET A 89 1.27 -3.81 19.78
N ASP A 90 1.76 -2.58 19.74
CA ASP A 90 2.52 -2.02 20.90
C ASP A 90 1.54 -1.43 21.98
N ASP A 91 0.29 -1.20 21.61
CA ASP A 91 -0.73 -0.63 22.52
C ASP A 91 -0.29 0.67 23.20
N ASP A 92 0.10 1.66 22.43
CA ASP A 92 0.57 2.91 23.00
C ASP A 92 -0.51 3.96 22.95
N ASP A 93 -0.77 4.59 24.11
CA ASP A 93 -1.66 5.77 24.17
C ASP A 93 -1.02 7.06 23.68
N LEU A 94 0.32 7.09 23.72
CA LEU A 94 1.12 8.25 23.36
C LEU A 94 2.17 7.97 22.32
N ARG A 95 2.47 8.99 21.53
CA ARG A 95 3.64 8.99 20.67
C ARG A 95 4.28 10.35 20.84
N ARG A 96 5.48 10.36 21.45
CA ARG A 96 6.20 11.62 21.71
C ARG A 96 5.34 12.64 22.49
N GLY A 97 4.67 12.16 23.53
CA GLY A 97 3.79 12.95 24.39
C GLY A 97 2.39 13.22 23.90
N GLN A 98 2.06 12.87 22.63
CA GLN A 98 0.75 13.18 22.09
C GLN A 98 -0.13 11.92 21.89
N PRO A 99 -1.47 12.07 22.04
CA PRO A 99 -2.38 10.94 21.90
C PRO A 99 -2.12 10.29 20.52
N THR A 100 -2.12 8.97 20.52
CA THR A 100 -1.95 8.21 19.27
C THR A 100 -3.24 8.35 18.51
N THR A 101 -3.21 7.95 17.24
CA THR A 101 -4.33 8.28 16.35
C THR A 101 -5.58 7.55 16.80
N HIS A 102 -5.47 6.32 17.32
CA HIS A 102 -6.65 5.59 17.74
C HIS A 102 -7.30 6.16 19.03
N ARG A 103 -6.56 6.96 19.74
CA ARG A 103 -7.08 7.70 20.92
C ARG A 103 -7.65 9.05 20.56
N ALA A 104 -7.00 9.75 19.67
CA ALA A 104 -7.49 11.00 19.20
C ALA A 104 -8.77 10.87 18.39
N PHE A 105 -8.86 9.80 17.62
CA PHE A 105 -10.04 9.52 16.78
C PHE A 105 -10.65 8.28 17.33
N ASP A 106 -10.35 7.15 16.74
CA ASP A 106 -10.88 5.90 17.15
C ASP A 106 -10.07 4.82 16.42
N GLU A 107 -10.24 3.56 16.80
CA GLU A 107 -9.38 2.50 16.32
C GLU A 107 -9.62 2.21 14.84
N ALA A 108 -10.88 2.05 14.46
CA ALA A 108 -11.15 1.79 13.07
C ALA A 108 -10.54 2.91 12.19
N THR A 109 -10.77 4.15 12.57
CA THR A 109 -10.30 5.31 11.81
C THR A 109 -8.78 5.29 11.73
N ALA A 110 -8.11 4.89 12.82
CA ALA A 110 -6.67 4.77 12.78
C ALA A 110 -6.20 3.67 11.84
N ILE A 111 -6.81 2.49 11.90
CA ILE A 111 -6.47 1.43 10.96
C ILE A 111 -6.61 1.87 9.53
N LEU A 112 -7.72 2.53 9.23
CA LEU A 112 -8.05 2.98 7.88
C LEU A 112 -7.23 4.17 7.40
N ALA A 113 -7.00 5.16 8.25
CA ALA A 113 -6.17 6.32 7.88
C ALA A 113 -4.83 5.81 7.46
N ALA A 114 -4.26 4.92 8.26
CA ALA A 114 -2.96 4.37 7.94
C ALA A 114 -2.98 3.53 6.67
N ASP A 115 -3.98 2.69 6.49
CA ASP A 115 -4.16 2.01 5.19
C ASP A 115 -4.14 2.99 3.98
N GLY A 116 -4.83 4.11 4.12
CA GLY A 116 -4.92 5.12 3.09
C GLY A 116 -3.57 5.80 2.87
N LEU A 117 -2.78 5.95 3.95
CA LEU A 117 -1.44 6.51 3.82
C LEU A 117 -0.52 5.58 3.00
N GLN A 118 -0.62 4.26 3.20
CA GLN A 118 0.21 3.32 2.44
C GLN A 118 -0.10 3.48 0.95
N ALA A 119 -1.40 3.48 0.61
CA ALA A 119 -1.78 3.66 -0.82
C ALA A 119 -1.30 4.97 -1.38
N LEU A 120 -1.36 6.00 -0.57
CA LEU A 120 -0.93 7.30 -1.00
C LEU A 120 0.56 7.34 -1.28
N ALA A 121 1.36 6.58 -0.50
CA ALA A 121 2.80 6.57 -0.76
C ALA A 121 3.08 6.07 -2.21
N PHE A 122 2.37 5.02 -2.58
CA PHE A 122 2.50 4.48 -3.96
C PHE A 122 1.89 5.37 -4.99
N GLU A 123 0.77 5.98 -4.67
CA GLU A 123 0.20 6.96 -5.55
C GLU A 123 1.20 8.08 -5.88
N VAL A 124 1.84 8.64 -4.87
CA VAL A 124 2.76 9.74 -5.05
C VAL A 124 4.00 9.41 -6.00
N LEU A 125 4.55 8.23 -5.89
CA LEU A 125 5.59 7.76 -6.78
C LEU A 125 5.16 7.45 -8.17
N ALA A 126 3.93 6.95 -8.35
CA ALA A 126 3.45 6.58 -9.66
C ALA A 126 2.96 7.80 -10.44
N ASP A 127 2.70 8.90 -9.74
CA ASP A 127 2.16 10.14 -10.31
C ASP A 127 3.28 10.88 -11.00
N THR A 128 3.27 10.93 -12.34
CA THR A 128 4.41 11.55 -13.06
C THR A 128 4.49 13.06 -13.05
N ARG A 129 3.43 13.74 -12.61
CA ARG A 129 3.54 15.17 -12.29
C ARG A 129 4.26 15.36 -10.94
N ARG A 130 3.87 14.63 -9.88
CA ARG A 130 4.56 14.78 -8.59
C ARG A 130 5.97 14.18 -8.56
N ASN A 131 6.20 13.12 -9.34
CA ASN A 131 7.46 12.40 -9.37
C ASN A 131 7.94 12.35 -10.83
N PRO A 132 8.41 13.49 -11.37
CA PRO A 132 8.67 13.58 -12.82
C PRO A 132 10.02 13.01 -13.25
N GLN A 133 10.27 11.74 -12.95
CA GLN A 133 11.50 11.06 -13.38
C GLN A 133 11.20 10.42 -14.70
N GLU A 134 12.23 9.86 -15.35
CA GLU A 134 12.00 8.95 -16.48
C GLU A 134 11.16 7.78 -15.98
N HIS A 135 10.33 7.24 -16.85
CA HIS A 135 9.35 6.23 -16.44
C HIS A 135 9.95 5.03 -15.87
N ALA A 136 11.06 4.57 -16.45
CA ALA A 136 11.69 3.42 -15.91
C ALA A 136 12.22 3.63 -14.48
N VAL A 137 12.70 4.84 -14.19
CA VAL A 137 13.18 5.18 -12.88
C VAL A 137 11.99 5.23 -11.89
N CYS A 138 10.86 5.76 -12.33
CA CYS A 138 9.68 5.76 -11.47
C CYS A 138 9.29 4.33 -11.06
N LEU A 139 9.34 3.41 -11.98
CA LEU A 139 8.99 2.02 -11.73
C LEU A 139 9.96 1.33 -10.79
N GLU A 140 11.24 1.59 -10.96
CA GLU A 140 12.25 1.09 -10.06
C GLU A 140 12.06 1.67 -8.66
N MET A 141 11.68 2.92 -8.56
CA MET A 141 11.45 3.51 -7.23
C MET A 141 10.28 2.82 -6.55
N LEU A 142 9.22 2.61 -7.34
CA LEU A 142 8.03 1.88 -6.84
C LEU A 142 8.30 0.45 -6.44
N THR A 143 9.06 -0.28 -7.26
CA THR A 143 9.55 -1.57 -6.95
C THR A 143 10.32 -1.64 -5.65
N ARG A 144 11.24 -0.73 -5.48
CA ARG A 144 12.10 -0.78 -4.33
C ARG A 144 11.30 -0.46 -3.08
N LEU A 145 10.47 0.57 -3.15
CA LEU A 145 9.63 0.91 -1.98
C LEU A 145 8.64 -0.25 -1.60
N ALA A 146 8.04 -0.89 -2.61
CA ALA A 146 7.11 -1.99 -2.30
C ALA A 146 7.80 -3.14 -1.66
N ARG A 147 8.98 -3.52 -2.16
CA ARG A 147 9.72 -4.59 -1.55
C ARG A 147 10.20 -4.19 -0.15
N ALA A 148 10.67 -2.96 -0.01
CA ALA A 148 11.14 -2.51 1.30
C ALA A 148 10.05 -2.35 2.37
N ALA A 149 8.86 -1.97 1.94
CA ALA A 149 7.74 -1.70 2.85
C ALA A 149 6.98 -2.97 3.25
N GLY A 150 7.08 -4.01 2.43
CA GLY A 150 6.23 -5.19 2.53
C GLY A 150 6.74 -6.26 3.45
N SER A 151 6.21 -7.45 3.21
CA SER A 151 6.43 -8.63 4.03
C SER A 151 7.83 -9.19 3.95
N ALA A 152 8.60 -8.74 2.95
CA ALA A 152 10.04 -9.11 2.87
C ALA A 152 10.96 -8.01 3.45
N GLY A 153 10.39 -6.89 3.87
CA GLY A 153 11.18 -5.77 4.45
C GLY A 153 10.57 -5.37 5.77
N MET A 154 10.03 -4.17 5.81
CA MET A 154 9.50 -3.52 7.01
C MET A 154 8.42 -4.34 7.75
N VAL A 155 7.38 -4.72 7.04
CA VAL A 155 6.34 -5.52 7.64
C VAL A 155 6.87 -6.88 8.15
N GLY A 156 7.77 -7.47 7.38
CA GLY A 156 8.48 -8.65 7.79
C GLY A 156 9.26 -8.42 9.07
N GLY A 157 9.96 -7.30 9.19
CA GLY A 157 10.66 -7.00 10.41
C GLY A 157 9.73 -6.88 11.61
N GLN A 158 8.55 -6.34 11.41
CA GLN A 158 7.57 -6.25 12.50
C GLN A 158 7.12 -7.62 12.91
N ALA A 159 6.99 -8.51 11.96
CA ALA A 159 6.61 -9.89 12.27
C ALA A 159 7.74 -10.61 12.94
N ILE A 160 8.98 -10.40 12.51
CA ILE A 160 10.11 -11.03 13.18
C ILE A 160 10.16 -10.58 14.63
N ASP A 161 10.04 -9.28 14.86
CA ASP A 161 10.03 -8.70 16.23
C ASP A 161 8.92 -9.29 17.13
N LEU A 162 7.70 -9.30 16.63
CA LEU A 162 6.59 -9.96 17.29
C LEU A 162 6.95 -11.41 17.60
N GLY A 163 7.55 -12.14 16.66
CA GLY A 163 7.84 -13.53 16.80
C GLY A 163 9.05 -13.88 17.66
N SER A 164 9.83 -12.89 18.10
CA SER A 164 11.02 -13.19 18.93
C SER A 164 10.59 -13.62 20.31
N ALA A 168 15.43 -14.48 24.12
CA ALA A 168 16.75 -15.07 24.08
C ALA A 168 17.64 -14.42 23.02
N LEU A 169 17.45 -14.69 21.71
CA LEU A 169 18.09 -13.85 20.66
C LEU A 169 19.62 -13.59 20.67
N ASP A 170 20.40 -14.10 19.72
CA ASP A 170 21.81 -13.73 19.70
C ASP A 170 22.00 -12.43 18.88
N GLN A 171 23.24 -11.96 18.74
CA GLN A 171 23.49 -10.74 17.94
C GLN A 171 23.02 -10.88 16.49
N ALA A 172 23.31 -12.02 15.89
CA ALA A 172 22.96 -12.18 14.45
C ALA A 172 21.43 -12.03 14.24
N ALA A 173 20.64 -12.61 15.13
CA ALA A 173 19.23 -12.61 15.00
C ALA A 173 18.67 -11.20 15.30
N LEU A 174 19.31 -10.49 16.21
CA LEU A 174 18.91 -9.15 16.55
C LEU A 174 19.14 -8.26 15.32
N GLU A 175 20.22 -8.51 14.63
CA GLU A 175 20.57 -7.74 13.47
C GLU A 175 19.64 -8.06 12.31
N VAL A 176 19.25 -9.32 12.22
CA VAL A 176 18.26 -9.74 11.19
C VAL A 176 16.97 -8.93 11.38
N MET A 177 16.52 -8.83 12.60
CA MET A 177 15.32 -8.11 12.92
C MET A 177 15.46 -6.65 12.55
N HIS A 178 16.52 -5.99 13.05
CA HIS A 178 16.65 -4.57 12.76
C HIS A 178 16.78 -4.30 11.27
N ARG A 179 17.56 -5.12 10.56
CA ARG A 179 17.71 -4.96 9.15
C ARG A 179 16.40 -4.96 8.41
N HIS A 180 15.44 -5.74 8.90
CA HIS A 180 14.11 -5.71 8.25
C HIS A 180 13.26 -4.57 8.78
N LYS A 181 13.17 -4.49 10.12
CA LYS A 181 12.18 -3.65 10.76
C LYS A 181 12.43 -2.18 10.46
N THR A 182 13.67 -1.77 10.51
CA THR A 182 14.01 -0.39 10.17
C THR A 182 14.97 -0.28 8.98
N GLY A 183 15.92 -1.21 8.83
CA GLY A 183 16.93 -1.15 7.77
C GLY A 183 16.36 -1.06 6.34
N ALA A 184 15.35 -1.86 6.04
CA ALA A 184 14.85 -1.91 4.68
C ALA A 184 14.34 -0.53 4.25
N LEU A 185 13.58 0.14 5.11
CA LEU A 185 13.04 1.45 4.71
C LEU A 185 14.12 2.55 4.69
N ILE A 186 15.11 2.45 5.59
CA ILE A 186 16.24 3.38 5.56
C ILE A 186 17.02 3.23 4.26
N GLU A 187 17.28 1.99 3.86
CA GLU A 187 17.99 1.70 2.62
C GLU A 187 17.18 2.15 1.43
N ALA A 188 15.90 1.95 1.48
CA ALA A 188 15.05 2.43 0.39
C ALA A 188 15.03 3.94 0.24
N SER A 189 15.11 4.67 1.36
CA SER A 189 15.08 6.12 1.33
C SER A 189 16.30 6.60 0.60
N VAL A 190 17.44 5.99 0.93
CA VAL A 190 18.68 6.30 0.26
C VAL A 190 18.59 5.91 -1.26
N ARG A 191 18.08 4.72 -1.52
CA ARG A 191 18.00 4.22 -2.90
C ARG A 191 17.09 5.10 -3.76
N LEU A 192 15.92 5.49 -3.21
CA LEU A 192 14.98 6.30 -3.95
C LEU A 192 15.54 7.72 -4.24
N GLY A 193 16.20 8.31 -3.26
CA GLY A 193 16.84 9.59 -3.50
C GLY A 193 17.91 9.48 -4.56
N ALA A 194 18.72 8.42 -4.50
CA ALA A 194 19.76 8.17 -5.52
C ALA A 194 19.21 7.99 -6.96
N LEU A 195 18.12 7.25 -7.06
CA LEU A 195 17.38 7.14 -8.31
C LEU A 195 16.84 8.48 -8.83
N ALA A 196 16.32 9.31 -7.93
CA ALA A 196 15.77 10.56 -8.32
C ALA A 196 16.87 11.51 -8.80
N SER A 197 18.13 11.22 -8.50
CA SER A 197 19.24 12.10 -8.98
C SER A 197 19.37 12.10 -10.52
N GLY A 198 18.89 11.03 -11.17
CA GLY A 198 19.08 10.83 -12.58
C GLY A 198 20.50 10.36 -12.91
N ARG A 199 21.34 10.12 -11.89
CA ARG A 199 22.76 9.79 -12.11
C ARG A 199 23.13 8.51 -11.41
N ALA A 200 22.15 7.70 -11.10
CA ALA A 200 22.50 6.50 -10.41
C ALA A 200 23.33 5.62 -11.34
N GLU A 201 24.21 4.81 -10.76
CA GLU A 201 25.00 3.88 -11.45
C GLU A 201 25.08 2.75 -10.45
N PRO A 202 25.21 1.50 -10.91
CA PRO A 202 25.30 0.35 -9.98
C PRO A 202 26.36 0.43 -8.87
N ALA A 203 27.58 0.80 -9.22
CA ALA A 203 28.61 0.94 -8.20
C ALA A 203 28.22 1.99 -7.15
N SER A 204 27.72 3.15 -7.57
CA SER A 204 27.22 4.13 -6.61
C SER A 204 26.07 3.67 -5.74
N LEU A 205 25.12 2.99 -6.36
CA LEU A 205 23.97 2.49 -5.64
C LEU A 205 24.45 1.49 -4.62
N ALA A 206 25.44 0.69 -4.96
CA ALA A 206 25.89 -0.32 -4.02
C ALA A 206 26.58 0.33 -2.83
N ALA A 207 27.39 1.33 -3.12
CA ALA A 207 28.08 2.05 -2.10
C ALA A 207 27.08 2.73 -1.16
N LEU A 208 26.05 3.36 -1.72
CA LEU A 208 25.04 3.99 -0.92
C LEU A 208 24.25 2.99 -0.09
N GLU A 209 24.09 1.77 -0.60
CA GLU A 209 23.43 0.74 0.17
C GLU A 209 24.27 0.32 1.35
N ARG A 210 25.60 0.22 1.15
CA ARG A 210 26.47 -0.10 2.26
C ARG A 210 26.40 0.98 3.38
N TYR A 211 26.40 2.21 2.94
CA TYR A 211 26.21 3.34 3.80
C TYR A 211 24.93 3.18 4.63
N ALA A 212 23.87 2.88 3.94
CA ALA A 212 22.54 2.87 4.55
C ALA A 212 22.44 1.70 5.53
N GLU A 213 23.07 0.58 5.20
CA GLU A 213 23.07 -0.61 6.09
C GLU A 213 23.79 -0.27 7.41
N ALA A 214 24.94 0.40 7.27
CA ALA A 214 25.75 0.81 8.39
C ALA A 214 25.04 1.82 9.27
N ILE A 215 24.51 2.89 8.71
CA ILE A 215 23.84 3.83 9.56
C ILE A 215 22.57 3.29 10.24
N GLY A 216 21.82 2.44 9.53
CA GLY A 216 20.54 1.94 10.09
C GLY A 216 20.88 1.17 11.37
N LEU A 217 21.95 0.38 11.30
CA LEU A 217 22.42 -0.34 12.43
C LEU A 217 23.01 0.56 13.51
N ALA A 218 23.87 1.49 13.10
CA ALA A 218 24.47 2.44 14.07
C ALA A 218 23.41 3.13 14.96
N PHE A 219 22.34 3.57 14.35
CA PHE A 219 21.29 4.19 15.05
C PHE A 219 20.73 3.29 16.14
N GLN A 220 20.57 2.02 15.82
CA GLN A 220 19.96 1.08 16.78
C GLN A 220 20.92 0.77 17.93
N VAL A 221 22.20 0.65 17.61
CA VAL A 221 23.24 0.42 18.66
C VAL A 221 23.28 1.61 19.62
N GLN A 222 23.31 2.81 19.02
CA GLN A 222 23.43 4.04 19.83
C GLN A 222 22.18 4.27 20.67
N ASP A 223 21.06 3.91 20.13
CA ASP A 223 19.82 4.03 20.89
C ASP A 223 19.81 3.09 22.12
N ASP A 224 20.34 1.86 21.99
CA ASP A 224 20.43 0.94 23.10
C ASP A 224 21.40 1.52 24.14
N ILE A 225 22.47 2.16 23.68
CA ILE A 225 23.47 2.73 24.57
C ILE A 225 22.88 3.88 25.37
N LEU A 226 22.16 4.76 24.70
CA LEU A 226 21.54 5.87 25.37
C LEU A 226 20.46 5.43 26.36
N ASP A 227 19.75 4.35 26.06
CA ASP A 227 18.80 3.76 27.03
C ASP A 227 19.49 3.35 28.34
N VAL A 228 20.61 2.62 28.24
CA VAL A 228 21.52 2.22 29.34
C VAL A 228 22.61 3.27 29.55
N PRO A 248 16.92 -7.63 25.51
CA PRO A 248 18.06 -8.27 24.79
C PRO A 248 18.71 -7.27 23.80
N THR A 249 19.63 -6.45 24.33
CA THR A 249 20.11 -5.19 23.70
C THR A 249 21.58 -5.26 23.31
N TYR A 250 22.06 -4.30 22.52
CA TYR A 250 23.46 -4.34 22.14
C TYR A 250 24.44 -4.27 23.38
N PRO A 251 24.18 -3.42 24.37
CA PRO A 251 25.02 -3.43 25.59
C PRO A 251 24.95 -4.74 26.42
N ALA A 252 23.77 -5.37 26.46
CA ALA A 252 23.66 -6.65 27.18
C ALA A 252 24.40 -7.69 26.41
N LEU A 253 24.44 -7.56 25.09
CA LEU A 253 25.02 -8.61 24.29
C LEU A 253 26.48 -8.55 24.16
N LEU A 254 27.00 -7.34 24.05
CA LEU A 254 28.43 -7.11 23.79
C LEU A 254 29.18 -6.59 25.00
N GLY A 255 28.47 -6.06 25.98
CA GLY A 255 29.01 -5.20 27.00
C GLY A 255 28.93 -3.75 26.58
N LEU A 256 28.83 -2.87 27.57
CA LEU A 256 28.55 -1.47 27.28
C LEU A 256 29.65 -0.81 26.47
N GLU A 257 30.89 -1.05 26.87
CA GLU A 257 31.99 -0.42 26.22
C GLU A 257 32.25 -1.03 24.86
N ALA A 258 32.07 -2.34 24.69
CA ALA A 258 32.21 -2.88 23.37
C ALA A 258 31.06 -2.44 22.41
N ALA A 259 29.88 -2.20 22.97
CA ALA A 259 28.74 -1.71 22.17
C ALA A 259 29.12 -0.30 21.62
N LYS A 260 29.68 0.54 22.49
CA LYS A 260 30.12 1.87 22.11
C LYS A 260 31.17 1.79 20.96
N GLY A 261 32.13 0.87 21.07
CA GLY A 261 33.13 0.61 20.04
C GLY A 261 32.52 0.21 18.71
N TYR A 262 31.50 -0.66 18.82
CA TYR A 262 30.81 -1.12 17.61
C TYR A 262 30.08 0.07 16.88
N ALA A 263 29.47 0.97 17.63
CA ALA A 263 28.81 2.15 17.03
C ALA A 263 29.80 2.93 16.24
N LEU A 264 30.99 3.10 16.81
CA LEU A 264 32.07 3.74 16.01
C LEU A 264 32.47 2.98 14.74
N GLU A 265 32.59 1.67 14.83
CA GLU A 265 32.94 0.83 13.68
C GLU A 265 31.87 0.98 12.59
N LEU A 266 30.61 1.09 13.01
CA LEU A 266 29.52 1.24 12.04
C LEU A 266 29.57 2.57 11.37
N ARG A 267 29.79 3.62 12.18
CA ARG A 267 29.98 4.93 11.55
C ARG A 267 31.11 4.84 10.52
N ASP A 268 32.21 4.24 10.92
CA ASP A 268 33.35 4.14 10.01
C ASP A 268 33.01 3.41 8.76
N LEU A 269 32.19 2.34 8.85
CA LEU A 269 31.83 1.62 7.64
C LEU A 269 30.98 2.50 6.74
N ALA A 270 30.15 3.31 7.37
CA ALA A 270 29.34 4.25 6.58
C ALA A 270 30.18 5.24 5.84
N LEU A 271 31.18 5.77 6.52
CA LEU A 271 32.01 6.82 5.89
C LEU A 271 32.88 6.21 4.79
N ALA A 272 33.41 5.03 5.03
CA ALA A 272 34.24 4.31 4.02
C ALA A 272 33.45 4.00 2.78
N ALA A 273 32.13 3.78 2.93
CA ALA A 273 31.31 3.50 1.76
C ALA A 273 31.20 4.74 0.93
N LEU A 274 31.33 5.90 1.56
CA LEU A 274 31.30 7.12 0.81
C LEU A 274 32.68 7.65 0.31
N ASP A 275 33.75 6.92 0.56
CA ASP A 275 35.06 7.28 -0.02
C ASP A 275 35.02 7.45 -1.56
N GLY A 276 35.56 8.54 -2.04
CA GLY A 276 35.43 8.76 -3.49
C GLY A 276 34.17 9.46 -3.95
N PHE A 277 33.16 9.64 -3.07
CA PHE A 277 32.08 10.55 -3.40
C PHE A 277 32.55 12.00 -3.26
N PRO A 278 31.96 12.91 -4.02
CA PRO A 278 32.37 14.28 -3.91
C PRO A 278 31.88 14.95 -2.63
N PRO A 279 32.26 16.23 -2.44
CA PRO A 279 31.76 16.99 -1.29
C PRO A 279 30.28 17.06 -1.12
N SER A 280 29.51 16.93 -2.19
CA SER A 280 28.04 17.04 -2.10
C SER A 280 27.46 15.89 -1.25
N ALA A 281 28.29 14.88 -0.97
CA ALA A 281 27.96 13.78 -0.03
C ALA A 281 28.22 14.09 1.46
N ASP A 282 28.72 15.31 1.78
CA ASP A 282 29.00 15.66 3.13
C ASP A 282 27.75 15.57 4.04
N PRO A 283 26.56 15.93 3.55
CA PRO A 283 25.42 15.73 4.47
C PRO A 283 25.25 14.29 4.96
N LEU A 284 25.51 13.32 4.09
CA LEU A 284 25.45 11.90 4.49
C LEU A 284 26.56 11.58 5.47
N ARG A 285 27.74 12.14 5.24
CA ARG A 285 28.86 11.87 6.16
C ARG A 285 28.52 12.44 7.53
N GLN A 286 27.98 13.66 7.57
CA GLN A 286 27.70 14.33 8.82
C GLN A 286 26.59 13.62 9.62
N LEU A 287 25.58 13.16 8.89
CA LEU A 287 24.52 12.39 9.50
C LEU A 287 25.11 11.12 10.15
N ALA A 288 26.01 10.41 9.51
CA ALA A 288 26.61 9.18 10.13
C ALA A 288 27.31 9.49 11.46
N ARG A 289 28.06 10.58 11.49
CA ARG A 289 28.71 11.04 12.75
C ARG A 289 27.68 11.45 13.82
N TYR A 290 26.66 12.16 13.40
CA TYR A 290 25.64 12.71 14.25
C TYR A 290 24.97 11.55 15.03
N ILE A 291 24.66 10.46 14.33
CA ILE A 291 23.97 9.27 14.86
C ILE A 291 24.75 8.70 16.04
N VAL A 292 26.07 8.59 15.92
CA VAL A 292 26.87 8.05 17.01
C VAL A 292 27.35 9.09 18.02
N GLU A 293 27.20 10.38 17.72
CA GLU A 293 27.65 11.42 18.65
C GLU A 293 26.52 11.95 19.50
N ARG A 294 25.29 11.58 19.20
CA ARG A 294 24.16 12.05 19.97
C ARG A 294 24.12 11.49 21.38
N ARG A 295 23.41 12.26 22.20
CA ARG A 295 23.14 12.03 23.61
C ARG A 295 21.74 12.46 23.95
N SER B 1 -23.11 -22.44 -17.58
CA SER B 1 -23.23 -21.27 -18.52
C SER B 1 -21.88 -20.93 -19.14
N MET B 2 -21.92 -20.07 -20.16
CA MET B 2 -20.72 -19.45 -20.67
C MET B 2 -20.05 -18.64 -19.54
N ILE B 3 -20.79 -17.84 -18.78
CA ILE B 3 -20.13 -16.99 -17.76
C ILE B 3 -19.55 -17.84 -16.62
N ALA B 4 -20.23 -18.91 -16.26
CA ALA B 4 -19.69 -19.83 -15.25
C ALA B 4 -18.34 -20.42 -15.66
N ALA B 5 -18.25 -20.87 -16.90
CA ALA B 5 -16.98 -21.42 -17.41
C ALA B 5 -15.90 -20.33 -17.46
N TYR B 6 -16.30 -19.13 -17.84
CA TYR B 6 -15.38 -18.01 -17.88
C TYR B 6 -14.83 -17.69 -16.51
N GLN B 7 -15.71 -17.60 -15.53
CA GLN B 7 -15.33 -17.39 -14.16
C GLN B 7 -14.33 -18.49 -13.73
N ALA B 8 -14.62 -19.75 -14.08
CA ALA B 8 -13.79 -20.86 -13.59
C ALA B 8 -12.40 -20.74 -14.17
N ARG B 9 -12.28 -20.41 -15.45
CA ARG B 9 -10.96 -20.20 -16.09
C ARG B 9 -10.19 -19.07 -15.40
N CYS B 10 -10.88 -17.95 -15.15
CA CYS B 10 -10.23 -16.79 -14.52
C CYS B 10 -9.73 -17.13 -13.11
N GLN B 11 -10.57 -17.77 -12.34
CA GLN B 11 -10.24 -18.22 -10.95
C GLN B 11 -9.07 -19.20 -10.88
N ALA B 12 -9.05 -20.19 -11.76
CA ALA B 12 -7.87 -21.08 -11.85
C ALA B 12 -6.59 -20.31 -12.16
N ARG B 13 -6.64 -19.42 -13.14
CA ARG B 13 -5.48 -18.74 -13.58
C ARG B 13 -4.96 -17.78 -12.53
N VAL B 14 -5.84 -16.95 -11.98
CA VAL B 14 -5.36 -16.00 -10.98
C VAL B 14 -4.88 -16.74 -9.71
N ASP B 15 -5.53 -17.83 -9.35
CA ASP B 15 -5.16 -18.54 -8.15
C ASP B 15 -3.74 -19.04 -8.27
N ALA B 16 -3.38 -19.55 -9.43
CA ALA B 16 -2.05 -20.12 -9.66
C ALA B 16 -0.99 -19.07 -9.55
N ALA B 17 -1.26 -17.94 -10.20
CA ALA B 17 -0.43 -16.76 -10.06
C ALA B 17 -0.33 -16.23 -8.61
N LEU B 18 -1.46 -16.10 -7.90
CA LEU B 18 -1.41 -15.64 -6.52
C LEU B 18 -0.63 -16.60 -5.59
N ASP B 19 -0.87 -17.90 -5.78
CA ASP B 19 -0.30 -18.88 -4.86
C ASP B 19 1.24 -18.81 -4.81
N ALA B 20 1.80 -18.48 -5.95
CA ALA B 20 3.25 -18.32 -6.08
C ALA B 20 3.89 -17.12 -5.36
N LEU B 21 3.06 -16.22 -4.86
CA LEU B 21 3.52 -15.01 -4.23
C LEU B 21 3.78 -15.20 -2.75
N PHE B 22 3.43 -16.34 -2.18
CA PHE B 22 3.44 -16.47 -0.71
C PHE B 22 4.51 -17.37 -0.15
N VAL B 23 5.69 -17.38 -0.80
CA VAL B 23 6.83 -18.12 -0.30
C VAL B 23 7.73 -17.21 0.55
N ALA B 24 7.85 -17.51 1.84
CA ALA B 24 8.64 -16.68 2.69
C ALA B 24 10.08 -16.71 2.22
N PRO B 25 10.71 -15.54 2.17
CA PRO B 25 12.08 -15.58 1.67
C PRO B 25 13.09 -16.11 2.71
N ARG B 26 12.69 -16.23 3.96
CA ARG B 26 13.54 -16.84 5.02
C ARG B 26 12.68 -17.33 6.12
N GLU B 27 13.20 -18.26 6.94
CA GLU B 27 12.43 -19.03 7.85
C GLU B 27 11.72 -18.20 8.92
N GLU B 28 12.29 -17.05 9.32
CA GLU B 28 11.66 -16.25 10.40
C GLU B 28 10.32 -15.59 9.91
N LEU B 29 10.18 -15.49 8.60
CA LEU B 29 9.00 -14.91 7.99
C LEU B 29 7.93 -15.95 7.67
N GLN B 30 8.13 -17.24 7.98
CA GLN B 30 7.17 -18.25 7.53
C GLN B 30 5.74 -18.00 7.98
N ARG B 31 5.56 -17.65 9.24
CA ARG B 31 4.21 -17.51 9.78
C ARG B 31 3.48 -16.32 9.18
N LEU B 32 4.23 -15.25 8.92
CA LEU B 32 3.68 -14.06 8.25
C LEU B 32 3.17 -14.43 6.86
N TYR B 33 3.96 -15.19 6.13
CA TYR B 33 3.59 -15.56 4.82
C TYR B 33 2.44 -16.59 4.80
N GLU B 34 2.38 -17.45 5.79
CA GLU B 34 1.23 -18.36 5.95
C GLU B 34 -0.08 -17.58 6.20
N ALA B 35 0.02 -16.53 7.00
CA ALA B 35 -1.12 -15.68 7.17
C ALA B 35 -1.54 -14.91 5.92
N MET B 36 -0.58 -14.49 5.15
CA MET B 36 -0.87 -13.85 3.88
C MET B 36 -1.60 -14.87 3.00
N ARG B 37 -1.05 -16.08 2.89
CA ARG B 37 -1.60 -17.10 2.04
C ARG B 37 -3.03 -17.44 2.44
N TYR B 38 -3.21 -17.61 3.73
CA TYR B 38 -4.49 -17.92 4.33
C TYR B 38 -5.54 -16.88 4.02
N SER B 39 -5.12 -15.62 4.03
CA SER B 39 -6.02 -14.50 3.73
C SER B 39 -6.43 -14.39 2.25
N VAL B 40 -5.69 -14.99 1.31
CA VAL B 40 -5.98 -14.81 -0.10
C VAL B 40 -6.57 -16.09 -0.71
N MET B 41 -6.01 -17.22 -0.27
CA MET B 41 -6.29 -18.52 -0.91
C MET B 41 -7.41 -19.13 -0.18
N ASN B 42 -8.56 -18.49 -0.26
CA ASN B 42 -9.71 -18.92 0.49
C ASN B 42 -10.92 -19.30 -0.36
N GLY B 43 -10.69 -19.71 -1.58
CA GLY B 43 -11.78 -20.16 -2.47
C GLY B 43 -12.69 -19.05 -2.89
N GLY B 44 -12.29 -17.78 -2.78
CA GLY B 44 -13.09 -16.69 -3.29
C GLY B 44 -13.37 -16.84 -4.78
N LYS B 45 -14.44 -16.20 -5.25
CA LYS B 45 -14.87 -16.25 -6.66
C LYS B 45 -14.10 -15.39 -7.63
N ARG B 46 -13.22 -14.55 -7.12
CA ARG B 46 -12.36 -13.78 -8.00
C ARG B 46 -13.08 -12.95 -9.07
N VAL B 47 -14.07 -12.19 -8.62
CA VAL B 47 -14.83 -11.38 -9.56
C VAL B 47 -13.97 -10.26 -10.12
N ARG B 48 -13.09 -9.70 -9.26
CA ARG B 48 -12.26 -8.56 -9.70
C ARG B 48 -11.22 -9.03 -10.74
N PRO B 49 -10.58 -10.19 -10.54
CA PRO B 49 -9.80 -10.79 -11.61
C PRO B 49 -10.63 -11.06 -12.87
N LEU B 50 -11.83 -11.62 -12.73
CA LEU B 50 -12.70 -11.83 -13.91
C LEU B 50 -12.88 -10.53 -14.69
N LEU B 51 -13.21 -9.44 -14.00
CA LEU B 51 -13.37 -8.16 -14.63
C LEU B 51 -12.13 -7.69 -15.34
N ALA B 52 -10.94 -7.91 -14.75
CA ALA B 52 -9.70 -7.48 -15.40
C ALA B 52 -9.50 -8.28 -16.73
N TYR B 53 -9.60 -9.59 -16.63
CA TYR B 53 -9.43 -10.47 -17.80
C TYR B 53 -10.47 -10.14 -18.90
N ALA B 54 -11.73 -9.93 -18.50
CA ALA B 54 -12.80 -9.72 -19.46
C ALA B 54 -12.69 -8.34 -20.11
N ALA B 55 -12.25 -7.36 -19.36
CA ALA B 55 -12.06 -6.04 -19.91
C ALA B 55 -10.92 -6.02 -20.93
N CYS B 56 -9.86 -6.74 -20.58
CA CYS B 56 -8.71 -6.92 -21.46
C CYS B 56 -9.19 -7.53 -22.83
N GLU B 57 -9.92 -8.64 -22.75
CA GLU B 57 -10.43 -9.32 -23.93
C GLU B 57 -11.41 -8.45 -24.72
N ALA B 58 -12.20 -7.66 -24.01
CA ALA B 58 -13.21 -6.80 -24.66
C ALA B 58 -12.59 -5.87 -25.59
N LEU B 59 -11.33 -5.51 -25.29
CA LEU B 59 -10.56 -4.61 -26.19
C LEU B 59 -9.60 -5.33 -27.12
N GLY B 60 -9.66 -6.65 -27.14
CA GLY B 60 -8.84 -7.45 -28.08
C GLY B 60 -7.49 -7.91 -27.54
N GLY B 61 -7.25 -7.77 -26.22
CA GLY B 61 -5.98 -8.30 -25.73
C GLY B 61 -6.05 -9.73 -25.31
N ALA B 62 -4.96 -10.48 -25.48
CA ALA B 62 -4.88 -11.81 -24.89
C ALA B 62 -5.02 -11.70 -23.37
N PRO B 63 -5.80 -12.59 -22.72
CA PRO B 63 -6.11 -12.39 -21.32
C PRO B 63 -4.87 -12.51 -20.40
N GLN B 64 -3.87 -13.36 -20.76
CA GLN B 64 -2.68 -13.48 -19.91
C GLN B 64 -1.96 -12.12 -19.70
N ARG B 65 -2.22 -11.17 -20.56
CA ARG B 65 -1.62 -9.87 -20.38
C ARG B 65 -2.10 -9.17 -19.08
N ALA B 66 -3.29 -9.53 -18.66
CA ALA B 66 -3.90 -9.02 -17.42
C ALA B 66 -3.63 -9.78 -16.15
N ASP B 67 -2.68 -10.72 -16.14
CA ASP B 67 -2.45 -11.53 -14.97
C ASP B 67 -2.04 -10.66 -13.74
N ALA B 68 -1.16 -9.68 -13.96
CA ALA B 68 -0.68 -8.83 -12.92
C ALA B 68 -1.78 -7.94 -12.39
N ALA B 69 -2.59 -7.39 -13.28
CA ALA B 69 -3.73 -6.63 -12.93
C ALA B 69 -4.67 -7.41 -12.09
N ALA B 70 -5.00 -8.60 -12.54
CA ALA B 70 -5.88 -9.52 -11.82
C ALA B 70 -5.34 -9.81 -10.41
N CYS B 71 -4.05 -10.11 -10.32
CA CYS B 71 -3.45 -10.39 -8.99
C CYS B 71 -3.57 -9.14 -8.13
N ALA B 72 -3.24 -7.97 -8.69
CA ALA B 72 -3.18 -6.75 -7.88
C ALA B 72 -4.55 -6.38 -7.32
N VAL B 73 -5.59 -6.47 -8.16
CA VAL B 73 -6.92 -6.15 -7.62
C VAL B 73 -7.40 -7.14 -6.59
N GLU B 74 -7.04 -8.41 -6.74
CA GLU B 74 -7.45 -9.38 -5.77
C GLU B 74 -6.71 -9.20 -4.46
N LEU B 75 -5.43 -8.80 -4.53
CA LEU B 75 -4.63 -8.54 -3.34
C LEU B 75 -5.17 -7.36 -2.57
N ILE B 76 -5.55 -6.30 -3.23
CA ILE B 76 -6.26 -5.21 -2.57
C ILE B 76 -7.56 -5.64 -1.91
N HIS B 77 -8.38 -6.31 -2.70
CA HIS B 77 -9.60 -6.87 -2.14
C HIS B 77 -9.36 -7.71 -0.86
N ALA B 78 -8.47 -8.67 -0.94
CA ALA B 78 -8.16 -9.56 0.15
C ALA B 78 -7.70 -8.80 1.40
N TYR B 79 -6.81 -7.83 1.20
CA TYR B 79 -6.26 -7.13 2.36
C TYR B 79 -7.42 -6.34 3.04
N SER B 80 -8.26 -5.73 2.24
CA SER B 80 -9.35 -4.93 2.75
C SER B 80 -10.29 -5.75 3.65
N LEU B 81 -10.51 -6.98 3.28
CA LEU B 81 -11.39 -7.88 4.02
C LEU B 81 -10.72 -8.27 5.35
N VAL B 82 -9.39 -8.52 5.33
CA VAL B 82 -8.66 -8.85 6.55
C VAL B 82 -8.79 -7.74 7.59
N HIS B 83 -8.60 -6.49 7.16
CA HIS B 83 -8.75 -5.42 8.10
C HIS B 83 -10.17 -5.21 8.52
N ASP B 84 -11.09 -5.40 7.59
CA ASP B 84 -12.51 -5.19 7.90
C ASP B 84 -13.05 -6.22 8.89
N ASP B 85 -12.47 -7.42 8.94
CA ASP B 85 -12.90 -8.42 9.86
C ASP B 85 -12.45 -8.19 11.32
N LEU B 86 -11.45 -7.38 11.53
CA LEU B 86 -10.86 -7.14 12.86
C LEU B 86 -11.85 -6.64 13.91
N PRO B 87 -11.55 -6.86 15.18
CA PRO B 87 -12.53 -6.51 16.25
C PRO B 87 -12.92 -5.04 16.32
N ALA B 88 -11.99 -4.11 15.99
CA ALA B 88 -12.34 -2.72 15.94
C ALA B 88 -13.19 -2.32 14.73
N MET B 89 -13.31 -3.20 13.76
CA MET B 89 -14.03 -2.94 12.53
C MET B 89 -15.29 -3.73 12.57
N ASP B 90 -15.47 -4.75 11.74
CA ASP B 90 -16.69 -5.52 11.74
C ASP B 90 -16.71 -6.67 12.76
N ASP B 91 -15.55 -7.00 13.33
CA ASP B 91 -15.45 -8.03 14.34
C ASP B 91 -16.08 -9.35 13.86
N ASP B 92 -15.61 -9.92 12.76
CA ASP B 92 -16.19 -11.15 12.23
C ASP B 92 -15.27 -12.33 12.51
N ASP B 93 -15.81 -13.36 13.14
CA ASP B 93 -15.04 -14.57 13.46
C ASP B 93 -14.94 -15.54 12.33
N LEU B 94 -15.89 -15.45 11.39
CA LEU B 94 -15.99 -16.43 10.34
C LEU B 94 -16.21 -15.74 8.99
N ARG B 95 -15.66 -16.32 7.95
CA ARG B 95 -15.98 -15.94 6.58
C ARG B 95 -16.28 -17.24 5.86
N ARG B 96 -17.55 -17.45 5.49
CA ARG B 96 -17.92 -18.70 4.84
C ARG B 96 -17.54 -19.93 5.63
N GLY B 97 -17.88 -19.91 6.90
CA GLY B 97 -17.63 -21.04 7.79
C GLY B 97 -16.21 -21.25 8.25
N GLN B 98 -15.27 -20.44 7.74
CA GLN B 98 -13.86 -20.58 8.18
C GLN B 98 -13.37 -19.39 9.01
N PRO B 99 -12.43 -19.66 9.94
CA PRO B 99 -11.97 -18.62 10.82
C PRO B 99 -11.40 -17.46 9.94
N THR B 100 -11.70 -16.25 10.33
CA THR B 100 -11.07 -15.08 9.68
C THR B 100 -9.58 -15.09 10.06
N THR B 101 -8.79 -14.21 9.47
CA THR B 101 -7.31 -14.36 9.70
C THR B 101 -6.86 -14.04 11.09
N HIS B 102 -7.48 -13.03 11.71
CA HIS B 102 -7.09 -12.70 13.10
C HIS B 102 -7.49 -13.87 14.05
N ARG B 103 -8.52 -14.64 13.69
CA ARG B 103 -8.98 -15.72 14.55
C ARG B 103 -8.10 -16.95 14.36
N ALA B 104 -7.67 -17.19 13.15
CA ALA B 104 -6.82 -18.34 12.82
C ALA B 104 -5.41 -18.14 13.36
N PHE B 105 -4.89 -16.92 13.28
CA PHE B 105 -3.56 -16.61 13.72
C PHE B 105 -3.64 -15.76 14.97
N ASP B 106 -3.57 -14.44 14.82
CA ASP B 106 -3.77 -13.46 15.88
C ASP B 106 -3.94 -12.09 15.21
N GLU B 107 -4.39 -11.10 15.99
CA GLU B 107 -4.80 -9.80 15.50
C GLU B 107 -3.61 -9.04 14.89
N ALA B 108 -2.50 -8.99 15.61
CA ALA B 108 -1.30 -8.35 15.06
C ALA B 108 -0.81 -8.95 13.73
N THR B 109 -0.72 -10.27 13.70
CA THR B 109 -0.32 -10.98 12.50
C THR B 109 -1.30 -10.70 11.36
N ALA B 110 -2.59 -10.64 11.66
CA ALA B 110 -3.56 -10.29 10.60
C ALA B 110 -3.34 -8.87 10.08
N ILE B 111 -3.20 -7.93 10.99
CA ILE B 111 -2.98 -6.56 10.63
C ILE B 111 -1.79 -6.47 9.66
N LEU B 112 -0.69 -7.11 10.08
CA LEU B 112 0.59 -7.06 9.32
C LEU B 112 0.54 -7.84 7.98
N ALA B 113 -0.10 -9.02 7.96
CA ALA B 113 -0.21 -9.79 6.73
C ALA B 113 -0.93 -8.95 5.70
N ALA B 114 -2.01 -8.29 6.09
CA ALA B 114 -2.79 -7.52 5.17
C ALA B 114 -2.02 -6.26 4.75
N ASP B 115 -1.33 -5.63 5.67
CA ASP B 115 -0.44 -4.55 5.31
C ASP B 115 0.54 -4.98 4.18
N GLY B 116 1.11 -6.20 4.30
CA GLY B 116 2.05 -6.70 3.35
C GLY B 116 1.38 -7.04 2.05
N LEU B 117 0.12 -7.44 2.12
CA LEU B 117 -0.64 -7.69 0.87
C LEU B 117 -0.88 -6.45 0.06
N GLN B 118 -1.13 -5.33 0.75
CA GLN B 118 -1.35 -4.06 0.04
C GLN B 118 -0.03 -3.70 -0.68
N ALA B 119 1.07 -3.73 0.01
CA ALA B 119 2.32 -3.48 -0.63
C ALA B 119 2.55 -4.36 -1.85
N LEU B 120 2.25 -5.64 -1.70
CA LEU B 120 2.52 -6.60 -2.73
C LEU B 120 1.67 -6.31 -3.93
N ALA B 121 0.49 -5.73 -3.73
CA ALA B 121 -0.37 -5.42 -4.91
C ALA B 121 0.39 -4.43 -5.79
N PHE B 122 0.99 -3.45 -5.14
CA PHE B 122 1.79 -2.45 -5.87
C PHE B 122 3.08 -3.03 -6.44
N GLU B 123 3.73 -3.92 -5.69
CA GLU B 123 4.91 -4.58 -6.19
C GLU B 123 4.64 -5.29 -7.49
N VAL B 124 3.54 -6.03 -7.56
CA VAL B 124 3.26 -6.81 -8.75
C VAL B 124 3.01 -6.00 -10.00
N LEU B 125 2.35 -4.86 -9.85
CA LEU B 125 2.15 -3.94 -10.94
C LEU B 125 3.42 -3.19 -11.40
N ALA B 126 4.33 -2.94 -10.49
CA ALA B 126 5.54 -2.17 -10.80
C ALA B 126 6.62 -3.05 -11.38
N ASP B 127 6.51 -4.37 -11.18
CA ASP B 127 7.48 -5.37 -11.65
C ASP B 127 7.26 -5.54 -13.12
N THR B 128 8.21 -5.18 -13.94
CA THR B 128 7.98 -5.28 -15.40
C THR B 128 8.16 -6.64 -16.00
N ARG B 129 8.67 -7.59 -15.26
CA ARG B 129 8.66 -9.00 -15.67
C ARG B 129 7.21 -9.55 -15.42
N ARG B 130 6.65 -9.37 -14.24
CA ARG B 130 5.30 -9.86 -13.97
C ARG B 130 4.24 -9.06 -14.76
N ASN B 131 4.48 -7.79 -14.98
CA ASN B 131 3.44 -6.87 -15.59
C ASN B 131 4.05 -6.23 -16.78
N PRO B 132 4.32 -7.01 -17.84
CA PRO B 132 5.18 -6.52 -18.94
C PRO B 132 4.49 -5.59 -19.98
N GLN B 133 3.87 -4.49 -19.53
CA GLN B 133 3.25 -3.47 -20.37
C GLN B 133 4.29 -2.41 -20.68
N GLU B 134 3.97 -1.49 -21.58
CA GLU B 134 4.80 -0.32 -21.77
C GLU B 134 4.86 0.41 -20.43
N HIS B 135 5.97 1.07 -20.17
CA HIS B 135 6.19 1.60 -18.83
C HIS B 135 5.20 2.65 -18.46
N ALA B 136 4.80 3.47 -19.42
CA ALA B 136 3.80 4.48 -19.14
C ALA B 136 2.43 3.88 -18.71
N VAL B 137 2.10 2.72 -19.27
CA VAL B 137 0.87 2.01 -19.00
C VAL B 137 1.02 1.43 -17.59
N CYS B 138 2.19 0.92 -17.25
CA CYS B 138 2.38 0.33 -15.91
C CYS B 138 2.12 1.41 -14.87
N LEU B 139 2.67 2.61 -15.11
CA LEU B 139 2.48 3.72 -14.21
C LEU B 139 1.03 4.16 -14.07
N GLU B 140 0.30 4.15 -15.16
CA GLU B 140 -1.15 4.45 -15.10
C GLU B 140 -1.95 3.38 -14.39
N MET B 141 -1.59 2.14 -14.54
CA MET B 141 -2.23 1.07 -13.80
C MET B 141 -2.03 1.30 -12.29
N LEU B 142 -0.80 1.56 -11.92
CA LEU B 142 -0.43 1.83 -10.52
C LEU B 142 -1.14 3.03 -9.95
N THR B 143 -1.15 4.13 -10.70
CA THR B 143 -1.92 5.30 -10.35
C THR B 143 -3.37 5.06 -10.09
N ARG B 144 -4.01 4.35 -11.01
CA ARG B 144 -5.44 4.10 -10.92
C ARG B 144 -5.74 3.18 -9.72
N LEU B 145 -4.95 2.14 -9.52
CA LEU B 145 -5.13 1.29 -8.37
C LEU B 145 -4.91 2.03 -7.03
N ALA B 146 -3.85 2.85 -6.94
CA ALA B 146 -3.58 3.57 -5.73
C ALA B 146 -4.71 4.50 -5.39
N ARG B 147 -5.26 5.22 -6.38
CA ARG B 147 -6.35 6.11 -6.12
C ARG B 147 -7.65 5.35 -5.75
N ALA B 148 -7.88 4.24 -6.41
CA ALA B 148 -9.06 3.44 -6.13
C ALA B 148 -9.00 2.77 -4.78
N ALA B 149 -7.82 2.36 -4.39
CA ALA B 149 -7.63 1.63 -3.11
C ALA B 149 -7.59 2.52 -1.89
N GLY B 150 -7.23 3.80 -2.09
CA GLY B 150 -6.93 4.67 -0.99
C GLY B 150 -8.08 5.43 -0.40
N SER B 151 -7.72 6.55 0.22
CA SER B 151 -8.64 7.33 1.07
C SER B 151 -9.65 8.06 0.19
N ALA B 152 -9.44 8.09 -1.11
CA ALA B 152 -10.42 8.74 -2.00
C ALA B 152 -11.34 7.70 -2.65
N GLY B 153 -11.08 6.43 -2.40
CA GLY B 153 -11.78 5.29 -2.99
C GLY B 153 -12.18 4.36 -1.86
N MET B 154 -11.70 3.11 -1.93
CA MET B 154 -12.10 2.05 -1.05
C MET B 154 -12.00 2.41 0.44
N VAL B 155 -10.84 2.87 0.86
CA VAL B 155 -10.63 3.19 2.30
C VAL B 155 -11.59 4.33 2.66
N GLY B 156 -11.78 5.27 1.73
CA GLY B 156 -12.72 6.39 1.92
C GLY B 156 -14.11 5.84 2.15
N GLY B 157 -14.51 4.86 1.36
CA GLY B 157 -15.82 4.27 1.52
C GLY B 157 -16.03 3.67 2.89
N GLN B 158 -14.98 3.04 3.41
CA GLN B 158 -15.05 2.41 4.72
C GLN B 158 -15.21 3.44 5.82
N ALA B 159 -14.61 4.59 5.62
CA ALA B 159 -14.75 5.69 6.55
C ALA B 159 -16.12 6.36 6.45
N ILE B 160 -16.66 6.45 5.25
CA ILE B 160 -18.01 7.03 5.09
C ILE B 160 -18.97 6.13 5.80
N ASP B 161 -18.78 4.84 5.63
CA ASP B 161 -19.60 3.79 6.31
C ASP B 161 -19.56 3.93 7.86
N LEU B 162 -18.40 3.99 8.43
CA LEU B 162 -18.34 4.28 9.88
C LEU B 162 -18.93 5.63 10.31
N GLY B 163 -18.84 6.65 9.49
CA GLY B 163 -19.39 7.96 9.80
C GLY B 163 -20.89 8.02 9.64
N SER B 164 -21.49 6.95 9.14
CA SER B 164 -22.92 6.92 8.83
C SER B 164 -23.73 6.12 9.89
N VAL B 165 -23.06 5.50 10.87
CA VAL B 165 -23.76 4.79 11.96
C VAL B 165 -24.77 5.72 12.69
N GLY B 166 -26.00 5.24 12.86
CA GLY B 166 -27.07 6.00 13.54
C GLY B 166 -27.74 7.09 12.72
N VAL B 167 -27.24 7.29 11.50
CA VAL B 167 -27.79 8.26 10.56
C VAL B 167 -28.67 7.48 9.59
N ALA B 168 -29.93 7.88 9.44
CA ALA B 168 -30.76 7.31 8.35
C ALA B 168 -30.25 7.89 7.02
N LEU B 169 -29.61 7.04 6.24
CA LEU B 169 -29.09 7.44 4.92
C LEU B 169 -30.23 7.43 3.92
N ASP B 170 -30.31 8.41 3.04
CA ASP B 170 -31.23 8.29 1.95
C ASP B 170 -30.51 7.48 0.82
N GLN B 171 -31.22 7.21 -0.27
CA GLN B 171 -30.61 6.42 -1.40
C GLN B 171 -29.34 7.11 -1.92
N ALA B 172 -29.37 8.42 -2.05
CA ALA B 172 -28.22 9.15 -2.63
C ALA B 172 -26.99 8.96 -1.76
N ALA B 173 -27.16 9.03 -0.44
CA ALA B 173 -26.01 8.86 0.46
C ALA B 173 -25.53 7.41 0.50
N LEU B 174 -26.49 6.48 0.40
CA LEU B 174 -26.16 5.07 0.35
C LEU B 174 -25.29 4.76 -0.90
N GLU B 175 -25.68 5.32 -2.03
CA GLU B 175 -24.96 5.15 -3.26
C GLU B 175 -23.55 5.78 -3.19
N VAL B 176 -23.45 6.95 -2.56
CA VAL B 176 -22.13 7.59 -2.42
C VAL B 176 -21.21 6.61 -1.68
N MET B 177 -21.72 6.00 -0.61
N MET B 177 -21.75 5.96 -0.65
CA MET B 177 -20.94 5.05 0.17
CA MET B 177 -20.96 5.07 0.17
C MET B 177 -20.52 3.89 -0.70
C MET B 177 -20.55 3.82 -0.61
N HIS B 178 -21.49 3.26 -1.37
CA HIS B 178 -21.18 2.07 -2.15
C HIS B 178 -20.17 2.40 -3.29
N ARG B 179 -20.28 3.57 -3.91
CA ARG B 179 -19.41 3.96 -5.00
C ARG B 179 -17.98 3.98 -4.54
N HIS B 180 -17.76 4.44 -3.30
CA HIS B 180 -16.38 4.51 -2.79
C HIS B 180 -16.00 3.12 -2.28
N LYS B 181 -16.86 2.50 -1.44
CA LYS B 181 -16.44 1.31 -0.68
C LYS B 181 -16.19 0.14 -1.60
N THR B 182 -17.05 -0.08 -2.60
CA THR B 182 -16.84 -1.13 -3.53
C THR B 182 -16.73 -0.69 -5.00
N GLY B 183 -17.42 0.38 -5.40
CA GLY B 183 -17.37 0.83 -6.81
C GLY B 183 -15.95 1.14 -7.34
N ALA B 184 -15.14 1.81 -6.51
CA ALA B 184 -13.85 2.31 -6.95
C ALA B 184 -12.98 1.17 -7.39
N LEU B 185 -12.90 0.14 -6.55
CA LEU B 185 -12.08 -1.03 -6.87
C LEU B 185 -12.63 -1.88 -8.08
N ILE B 186 -13.96 -1.97 -8.20
CA ILE B 186 -14.56 -2.66 -9.36
C ILE B 186 -14.19 -1.89 -10.64
N GLU B 187 -14.34 -0.57 -10.64
CA GLU B 187 -14.01 0.30 -11.76
C GLU B 187 -12.55 0.16 -12.06
N ALA B 188 -11.72 0.07 -11.03
CA ALA B 188 -10.26 -0.09 -11.28
C ALA B 188 -9.90 -1.43 -11.91
N SER B 189 -10.66 -2.47 -11.57
CA SER B 189 -10.39 -3.81 -12.09
C SER B 189 -10.62 -3.80 -13.60
N VAL B 190 -11.70 -3.14 -14.00
CA VAL B 190 -12.07 -3.09 -15.38
C VAL B 190 -11.01 -2.21 -16.10
N ARG B 191 -10.68 -1.09 -15.47
CA ARG B 191 -9.75 -0.14 -16.10
C ARG B 191 -8.36 -0.77 -16.28
N LEU B 192 -7.86 -1.41 -15.22
CA LEU B 192 -6.54 -2.09 -15.30
C LEU B 192 -6.49 -3.25 -16.36
N GLY B 193 -7.56 -4.06 -16.46
CA GLY B 193 -7.66 -5.03 -17.53
C GLY B 193 -7.59 -4.39 -18.90
N ALA B 194 -8.32 -3.32 -19.07
CA ALA B 194 -8.40 -2.56 -20.32
C ALA B 194 -7.01 -2.01 -20.71
N LEU B 195 -6.32 -1.47 -19.74
CA LEU B 195 -4.97 -0.99 -19.94
C LEU B 195 -4.05 -2.12 -20.30
N ALA B 196 -4.23 -3.30 -19.68
CA ALA B 196 -3.34 -4.44 -20.00
C ALA B 196 -3.53 -4.95 -21.43
N SER B 197 -4.64 -4.56 -22.08
CA SER B 197 -4.92 -5.06 -23.43
C SER B 197 -3.91 -4.60 -24.44
N GLY B 198 -3.27 -3.48 -24.16
CA GLY B 198 -2.43 -2.81 -25.13
C GLY B 198 -3.22 -2.04 -26.18
N ARG B 199 -4.54 -2.00 -26.07
CA ARG B 199 -5.36 -1.35 -27.10
C ARG B 199 -6.26 -0.26 -26.55
N ALA B 200 -6.04 0.20 -25.33
CA ALA B 200 -6.98 1.11 -24.72
C ALA B 200 -6.93 2.47 -25.41
N GLU B 201 -8.10 3.11 -25.49
CA GLU B 201 -8.21 4.44 -25.99
C GLU B 201 -9.19 5.11 -25.07
N PRO B 202 -9.21 6.42 -25.08
CA PRO B 202 -10.13 7.15 -24.23
C PRO B 202 -11.62 6.83 -24.35
N ALA B 203 -12.16 6.78 -25.56
CA ALA B 203 -13.56 6.44 -25.75
C ALA B 203 -13.91 5.07 -25.13
N SER B 204 -13.12 4.06 -25.43
CA SER B 204 -13.36 2.67 -24.97
C SER B 204 -13.17 2.60 -23.43
N LEU B 205 -12.20 3.36 -22.89
CA LEU B 205 -12.03 3.41 -21.44
C LEU B 205 -13.24 4.04 -20.78
N ALA B 206 -13.80 5.09 -21.37
CA ALA B 206 -14.91 5.77 -20.78
C ALA B 206 -16.14 4.85 -20.75
N ALA B 207 -16.34 4.12 -21.83
CA ALA B 207 -17.50 3.28 -21.97
C ALA B 207 -17.40 2.10 -20.99
N LEU B 208 -16.20 1.57 -20.86
CA LEU B 208 -15.98 0.52 -19.86
C LEU B 208 -16.21 1.03 -18.44
N GLU B 209 -15.89 2.30 -18.21
CA GLU B 209 -16.11 2.89 -16.89
C GLU B 209 -17.57 3.01 -16.58
N ARG B 210 -18.36 3.41 -17.61
CA ARG B 210 -19.82 3.43 -17.44
C ARG B 210 -20.36 2.04 -17.13
N TYR B 211 -19.87 1.04 -17.84
CA TYR B 211 -20.26 -0.39 -17.59
C TYR B 211 -19.93 -0.76 -16.13
N ALA B 212 -18.72 -0.39 -15.69
CA ALA B 212 -18.26 -0.78 -14.33
C ALA B 212 -19.05 -0.08 -13.25
N GLU B 213 -19.45 1.15 -13.53
CA GLU B 213 -20.28 1.95 -12.59
C GLU B 213 -21.60 1.24 -12.41
N ALA B 214 -22.21 0.82 -13.50
CA ALA B 214 -23.49 0.11 -13.44
C ALA B 214 -23.44 -1.25 -12.79
N ILE B 215 -22.50 -2.11 -13.22
CA ILE B 215 -22.43 -3.37 -12.58
C ILE B 215 -22.04 -3.36 -11.09
N GLY B 216 -21.20 -2.43 -10.69
CA GLY B 216 -20.80 -2.29 -9.25
C GLY B 216 -22.01 -2.04 -8.34
N LEU B 217 -22.88 -1.14 -8.76
CA LEU B 217 -24.15 -0.91 -8.04
C LEU B 217 -25.10 -2.06 -8.16
N ALA B 218 -25.23 -2.65 -9.35
CA ALA B 218 -26.11 -3.79 -9.55
C ALA B 218 -25.79 -4.93 -8.57
N PHE B 219 -24.50 -5.21 -8.37
CA PHE B 219 -23.99 -6.20 -7.40
C PHE B 219 -24.58 -5.89 -6.02
N GLN B 220 -24.48 -4.66 -5.58
CA GLN B 220 -24.94 -4.30 -4.22
C GLN B 220 -26.49 -4.43 -4.11
N VAL B 221 -27.19 -3.95 -5.12
CA VAL B 221 -28.67 -3.98 -5.08
C VAL B 221 -29.13 -5.45 -5.00
N GLN B 222 -28.52 -6.25 -5.85
CA GLN B 222 -28.85 -7.63 -5.95
C GLN B 222 -28.51 -8.40 -4.68
N ASP B 223 -27.38 -8.07 -4.10
CA ASP B 223 -27.04 -8.68 -2.83
C ASP B 223 -28.09 -8.40 -1.75
N ASP B 224 -28.58 -7.16 -1.69
CA ASP B 224 -29.63 -6.80 -0.73
C ASP B 224 -30.91 -7.61 -1.01
N ILE B 225 -31.21 -7.80 -2.29
CA ILE B 225 -32.38 -8.52 -2.68
C ILE B 225 -32.25 -9.97 -2.25
N LEU B 226 -31.10 -10.56 -2.53
CA LEU B 226 -30.89 -11.96 -2.16
C LEU B 226 -30.94 -12.17 -0.65
N ASP B 227 -30.49 -11.20 0.13
CA ASP B 227 -30.59 -11.24 1.59
C ASP B 227 -32.08 -11.40 2.01
N VAL B 228 -32.97 -10.59 1.43
CA VAL B 228 -34.44 -10.79 1.55
C VAL B 228 -34.84 -12.10 0.83
N PRO B 248 -29.93 -0.04 6.44
CA PRO B 248 -30.48 0.82 5.36
C PRO B 248 -30.15 0.20 3.98
N THR B 249 -31.06 -0.64 3.46
CA THR B 249 -30.82 -1.52 2.31
C THR B 249 -31.69 -1.05 1.10
N TYR B 250 -31.41 -1.57 -0.07
CA TYR B 250 -32.20 -1.14 -1.23
C TYR B 250 -33.68 -1.56 -1.11
N PRO B 251 -33.97 -2.78 -0.69
CA PRO B 251 -35.39 -3.12 -0.45
C PRO B 251 -36.08 -2.28 0.67
N ALA B 252 -35.36 -1.88 1.71
CA ALA B 252 -35.95 -1.11 2.76
C ALA B 252 -36.31 0.25 2.26
N LEU B 253 -35.49 0.75 1.35
CA LEU B 253 -35.66 2.12 0.87
C LEU B 253 -36.75 2.19 -0.15
N LEU B 254 -36.74 1.24 -1.07
CA LEU B 254 -37.53 1.33 -2.27
C LEU B 254 -38.77 0.41 -2.24
N GLY B 255 -38.76 -0.56 -1.33
CA GLY B 255 -39.60 -1.74 -1.47
C GLY B 255 -38.96 -2.78 -2.35
N LEU B 256 -39.31 -4.04 -2.12
CA LEU B 256 -38.62 -5.15 -2.76
C LEU B 256 -38.77 -5.12 -4.26
N GLU B 257 -39.99 -4.85 -4.74
CA GLU B 257 -40.28 -4.84 -6.16
C GLU B 257 -39.54 -3.71 -6.88
N ALA B 258 -39.56 -2.52 -6.34
CA ALA B 258 -38.84 -1.47 -7.01
C ALA B 258 -37.30 -1.70 -6.96
N ALA B 259 -36.84 -2.41 -5.95
CA ALA B 259 -35.38 -2.68 -5.83
C ALA B 259 -35.02 -3.60 -7.02
N LYS B 260 -35.89 -4.58 -7.24
CA LYS B 260 -35.73 -5.51 -8.32
C LYS B 260 -35.73 -4.81 -9.68
N GLY B 261 -36.64 -3.86 -9.83
CA GLY B 261 -36.72 -3.04 -11.07
C GLY B 261 -35.46 -2.24 -11.33
N TYR B 262 -34.87 -1.73 -10.24
CA TYR B 262 -33.63 -0.95 -10.31
C TYR B 262 -32.44 -1.82 -10.75
N ALA B 263 -32.33 -3.03 -10.20
CA ALA B 263 -31.27 -3.98 -10.61
C ALA B 263 -31.32 -4.23 -12.12
N LEU B 264 -32.53 -4.47 -12.66
CA LEU B 264 -32.78 -4.53 -14.12
C LEU B 264 -32.35 -3.26 -14.87
N GLU B 265 -32.65 -2.07 -14.33
CA GLU B 265 -32.23 -0.81 -14.96
C GLU B 265 -30.68 -0.71 -15.05
N LEU B 266 -30.03 -1.15 -13.95
CA LEU B 266 -28.58 -1.14 -13.88
C LEU B 266 -28.00 -2.14 -14.88
N ARG B 267 -28.61 -3.30 -15.03
CA ARG B 267 -28.14 -4.24 -16.06
C ARG B 267 -28.27 -3.63 -17.48
N ASP B 268 -29.39 -2.96 -17.69
CA ASP B 268 -29.62 -2.29 -18.98
C ASP B 268 -28.57 -1.21 -19.26
N LEU B 269 -28.17 -0.44 -18.23
CA LEU B 269 -27.18 0.61 -18.43
C LEU B 269 -25.85 -0.02 -18.80
N ALA B 270 -25.55 -1.13 -18.15
CA ALA B 270 -24.29 -1.85 -18.42
C ALA B 270 -24.23 -2.36 -19.86
N LEU B 271 -25.34 -2.97 -20.33
CA LEU B 271 -25.39 -3.53 -21.68
C LEU B 271 -25.31 -2.40 -22.71
N ALA B 272 -25.98 -1.31 -22.45
CA ALA B 272 -25.89 -0.14 -23.31
C ALA B 272 -24.51 0.47 -23.41
N ALA B 273 -23.72 0.39 -22.33
CA ALA B 273 -22.39 0.99 -22.34
C ALA B 273 -21.47 0.21 -23.24
N LEU B 274 -21.83 -1.04 -23.47
CA LEU B 274 -21.07 -1.90 -24.40
C LEU B 274 -21.49 -1.83 -25.86
N ASP B 275 -22.36 -0.86 -26.17
CA ASP B 275 -22.69 -0.62 -27.56
C ASP B 275 -21.42 -0.44 -28.46
N GLY B 276 -21.40 -1.12 -29.60
CA GLY B 276 -20.28 -0.99 -30.51
C GLY B 276 -19.13 -1.91 -30.23
N PHE B 277 -19.13 -2.61 -29.06
CA PHE B 277 -18.00 -3.49 -28.75
C PHE B 277 -18.10 -4.79 -29.53
N PRO B 278 -16.98 -5.45 -29.78
CA PRO B 278 -17.10 -6.67 -30.61
C PRO B 278 -17.56 -7.87 -29.74
N PRO B 279 -17.70 -9.08 -30.36
CA PRO B 279 -18.07 -10.26 -29.64
C PRO B 279 -17.15 -10.61 -28.46
N SER B 280 -15.87 -10.19 -28.53
CA SER B 280 -14.93 -10.46 -27.45
C SER B 280 -15.36 -9.77 -26.16
N ALA B 281 -16.36 -8.88 -26.22
CA ALA B 281 -17.01 -8.28 -24.97
C ALA B 281 -18.17 -9.13 -24.41
N ASP B 282 -18.46 -10.28 -25.03
CA ASP B 282 -19.59 -11.09 -24.57
C ASP B 282 -19.45 -11.49 -23.11
N PRO B 283 -18.21 -11.74 -22.63
CA PRO B 283 -18.11 -12.05 -21.22
C PRO B 283 -18.64 -10.94 -20.30
N LEU B 284 -18.34 -9.69 -20.60
CA LEU B 284 -18.85 -8.58 -19.81
C LEU B 284 -20.37 -8.49 -19.95
N ARG B 285 -20.90 -8.75 -21.13
CA ARG B 285 -22.35 -8.69 -21.28
C ARG B 285 -23.03 -9.80 -20.42
N GLN B 286 -22.50 -11.00 -20.50
CA GLN B 286 -23.03 -12.12 -19.80
C GLN B 286 -22.88 -11.92 -18.27
N LEU B 287 -21.78 -11.29 -17.85
CA LEU B 287 -21.64 -11.03 -16.40
C LEU B 287 -22.76 -10.10 -15.95
N ALA B 288 -23.03 -9.03 -16.70
CA ALA B 288 -24.06 -8.04 -16.29
C ALA B 288 -25.42 -8.71 -16.09
N ARG B 289 -25.76 -9.62 -16.99
CA ARG B 289 -27.00 -10.41 -16.86
C ARG B 289 -26.92 -11.34 -15.68
N TYR B 290 -25.80 -12.02 -15.52
CA TYR B 290 -25.63 -12.98 -14.45
C TYR B 290 -25.94 -12.34 -13.07
N ILE B 291 -25.39 -11.16 -12.87
CA ILE B 291 -25.44 -10.48 -11.59
C ILE B 291 -26.87 -10.34 -11.13
N VAL B 292 -27.76 -9.98 -12.04
CA VAL B 292 -29.16 -9.71 -11.66
C VAL B 292 -30.05 -10.98 -11.84
N GLU B 293 -29.39 -12.09 -12.24
CA GLU B 293 -29.77 -13.55 -12.06
C GLU B 293 -31.02 -13.94 -12.78
S DMS C . 8.18 -0.36 12.93
O DMS C . 8.08 -0.47 11.41
C1 DMS C . 6.95 0.76 13.28
C2 DMS C . 9.62 0.36 13.53
MG MG D . 17.10 -1.29 20.87
CA NVU E . 14.67 7.64 14.27
C NVU E . 13.57 8.22 13.45
O NVU E . 12.81 7.39 12.88
OXT NVU E . 13.40 9.45 13.53
CB NVU E . 16.03 8.22 13.89
CG NVU E . 16.85 7.55 13.03
CD1 NVU E . 16.66 6.41 12.38
CE1 NVU E . 17.63 5.89 11.53
CZ NVU E . 18.83 6.58 11.37
CE2 NVU E . 18.95 7.75 12.09
CD2 NVU E . 18.01 8.21 12.87
OH NVU E . 18.00 9.39 13.71
NAL NVU E . 16.57 9.35 14.39
CA NVU F . 19.97 17.75 15.70
C NVU F . 21.39 18.36 15.89
O NVU F . 21.47 19.35 16.67
OXT NVU F . 22.41 17.87 15.31
CB NVU F . 19.95 16.97 14.34
CG NVU F . 19.14 15.95 13.99
CD1 NVU F . 18.11 15.34 14.58
CE1 NVU F . 17.48 14.30 13.90
CZ NVU F . 17.89 13.92 12.63
CE2 NVU F . 18.97 14.58 12.06
CD2 NVU F . 19.55 15.57 12.74
OH NVU F . 20.61 16.33 12.38
NAL NVU F . 20.84 17.19 13.38
S DMS G . -14.99 -3.43 2.49
O DMS G . -14.14 -4.62 2.91
C1 DMS G . -16.49 -3.93 1.81
C2 DMS G . -14.16 -2.48 1.34
MG MG H . -26.29 -4.39 1.17
MG MG I . -18.23 -8.80 7.84
#